data_7KZH
#
_entry.id   7KZH
#
_cell.length_a   89.637
_cell.length_b   89.637
_cell.length_c   53.055
_cell.angle_alpha   90.000
_cell.angle_beta   90.000
_cell.angle_gamma   120.000
#
_symmetry.space_group_name_H-M   'P 3 2 1'
#
loop_
_entity.id
_entity.type
_entity.pdbx_description
1 polymer 'Zinc finger CCCH-type antiviral protein 1'
2 non-polymer 'ZINC ION'
3 water water
#
_entity_poly.entity_id   1
_entity_poly.type   'polypeptide(L)'
_entity_poly.pdbx_seq_one_letter_code
;STTSSRVDDHDSEEICLDHLCKGCPLNGSCSKVHFHLPYRWQ(MSE)LIGKTWTDFEH(MSE)ETIEKGYCNPGIHLCSV
GSYTINFRV(MSE)SCDSFPIRRLSTPSSVTKPANSVFTTKWIWYWKNESGTWIQYGEEKDKRKNSNVDSSYLESLYQSC
PRGVVPFQAGSRNYELSFQG(MSE)IQTNIASKTQKDVIRRPTFVPQWYVQQ(MSE)KRGPD
;
_entity_poly.pdbx_strand_id   A
#
# COMPACT_ATOMS: atom_id res chain seq x y z
N SER A 12 -7.33 16.35 6.77
CA SER A 12 -6.91 15.37 5.78
C SER A 12 -6.06 14.27 6.42
N GLU A 13 -6.05 13.10 5.79
CA GLU A 13 -5.37 11.92 6.30
C GLU A 13 -4.10 11.60 5.52
N GLU A 14 -3.56 12.59 4.80
CA GLU A 14 -2.45 12.41 3.88
C GLU A 14 -1.19 13.02 4.46
N ILE A 15 -0.06 12.31 4.31
CA ILE A 15 1.22 12.79 4.81
C ILE A 15 1.82 13.77 3.80
N CYS A 16 2.24 14.93 4.30
CA CYS A 16 2.70 16.00 3.43
C CYS A 16 4.05 15.66 2.80
N LEU A 17 4.14 15.79 1.48
CA LEU A 17 5.40 15.56 0.79
C LEU A 17 6.37 16.71 0.97
N ASP A 18 5.86 17.95 0.98
CA ASP A 18 6.74 19.11 1.11
C ASP A 18 7.47 19.09 2.45
N HIS A 19 6.79 18.64 3.51
CA HIS A 19 7.43 18.60 4.83
C HIS A 19 8.59 17.60 4.86
N LEU A 20 8.47 16.50 4.12
CA LEU A 20 9.55 15.52 4.05
C LEU A 20 10.70 15.98 3.17
N CYS A 21 10.45 16.88 2.23
CA CYS A 21 11.46 17.26 1.25
C CYS A 21 12.04 18.64 1.58
N LYS A 22 11.76 19.65 0.75
CA LYS A 22 12.36 20.97 0.95
C LYS A 22 11.67 21.78 2.03
N GLY A 23 10.42 21.47 2.35
CA GLY A 23 9.73 22.14 3.44
C GLY A 23 8.34 22.59 3.07
N CYS A 24 7.39 22.43 3.99
CA CYS A 24 6.02 22.85 3.74
C CYS A 24 5.88 24.34 4.05
N PRO A 25 5.56 25.18 3.06
CA PRO A 25 5.42 26.62 3.34
C PRO A 25 4.23 26.95 4.23
N LEU A 26 3.27 26.03 4.37
CA LEU A 26 2.09 26.27 5.19
C LEU A 26 2.38 26.17 6.69
N ASN A 27 3.61 25.82 7.08
CA ASN A 27 3.97 25.75 8.49
C ASN A 27 2.98 24.90 9.27
N GLY A 28 2.57 25.35 10.45
CA GLY A 28 1.63 24.64 11.28
C GLY A 28 0.18 24.72 10.85
N SER A 29 -0.11 25.36 9.72
CA SER A 29 -1.47 25.48 9.22
C SER A 29 -1.76 24.56 8.05
N CYS A 30 -0.85 23.64 7.73
CA CYS A 30 -1.07 22.70 6.64
C CYS A 30 -2.25 21.80 6.96
N SER A 31 -3.07 21.52 5.94
CA SER A 31 -4.21 20.63 6.10
C SER A 31 -3.79 19.16 6.16
N LYS A 32 -2.54 18.85 5.87
CA LYS A 32 -2.05 17.48 5.83
C LYS A 32 -1.24 17.14 7.08
N VAL A 33 -0.98 15.85 7.26
CA VAL A 33 -0.16 15.40 8.39
C VAL A 33 1.30 15.69 8.10
N HIS A 34 2.03 16.10 9.12
CA HIS A 34 3.46 16.34 9.04
C HIS A 34 4.17 15.31 9.91
N PHE A 35 4.82 14.33 9.27
CA PHE A 35 5.53 13.26 9.93
C PHE A 35 6.89 13.10 9.25
N HIS A 36 7.83 12.51 9.98
CA HIS A 36 9.20 12.37 9.49
C HIS A 36 9.39 11.12 8.63
N LEU A 37 8.37 10.30 8.49
CA LEU A 37 8.40 9.13 7.63
C LEU A 37 7.27 9.21 6.62
N PRO A 38 7.39 8.51 5.48
CA PRO A 38 6.28 8.47 4.52
C PRO A 38 5.14 7.55 4.94
N TYR A 39 5.27 6.87 6.07
CA TYR A 39 4.19 6.05 6.62
C TYR A 39 4.08 6.33 8.12
N ARG A 40 2.87 6.14 8.65
CA ARG A 40 2.62 6.37 10.07
C ARG A 40 1.57 5.37 10.55
N TRP A 41 2.01 4.39 11.34
CA TRP A 41 1.12 3.37 11.88
C TRP A 41 0.54 3.84 13.20
N GLN A 42 -0.78 3.73 13.34
CA GLN A 42 -1.47 4.22 14.53
C GLN A 42 -2.54 3.23 14.97
N LEU A 44 -6.20 3.19 17.25
CA LEU A 44 -7.24 4.04 17.80
C LEU A 44 -7.56 3.59 19.22
N ILE A 45 -7.27 4.45 20.20
CA ILE A 45 -7.56 4.21 21.60
C ILE A 45 -8.58 5.26 22.03
N GLY A 46 -9.74 4.81 22.49
CA GLY A 46 -10.82 5.71 22.80
C GLY A 46 -11.20 6.54 21.59
N LYS A 47 -10.90 7.84 21.63
CA LYS A 47 -11.16 8.76 20.53
C LYS A 47 -9.89 9.44 20.06
N THR A 48 -8.75 8.77 20.19
CA THR A 48 -7.47 9.34 19.79
C THR A 48 -6.64 8.28 19.09
N TRP A 49 -6.11 8.62 17.91
CA TRP A 49 -5.17 7.76 17.23
C TRP A 49 -3.78 7.95 17.85
N THR A 50 -3.11 6.85 18.13
CA THR A 50 -1.88 6.84 18.92
C THR A 50 -0.79 6.12 18.15
N ASP A 51 0.40 6.72 18.11
CA ASP A 51 1.49 6.17 17.32
C ASP A 51 2.02 4.89 17.94
N PHE A 52 2.22 3.87 17.10
CA PHE A 52 2.98 2.70 17.52
C PHE A 52 4.44 3.09 17.76
N GLU A 53 5.15 2.24 18.49
CA GLU A 53 6.56 2.52 18.79
C GLU A 53 7.46 2.06 17.65
N HIS A 54 7.30 0.82 17.21
CA HIS A 54 8.18 0.23 16.21
C HIS A 54 7.48 0.20 14.85
N GLU A 56 8.75 0.90 11.85
CA GLU A 56 9.51 0.30 10.76
C GLU A 56 9.27 -1.20 10.70
N THR A 57 9.20 -1.85 11.85
CA THR A 57 8.95 -3.29 11.89
C THR A 57 7.54 -3.62 11.38
N ILE A 58 6.54 -2.87 11.82
CA ILE A 58 5.18 -3.06 11.33
C ILE A 58 5.14 -2.87 9.82
N GLU A 59 5.80 -1.82 9.32
CA GLU A 59 5.81 -1.55 7.89
C GLU A 59 6.49 -2.67 7.13
N LYS A 60 7.59 -3.19 7.66
CA LYS A 60 8.27 -4.30 7.00
C LYS A 60 7.35 -5.51 6.92
N GLY A 61 6.61 -5.80 7.98
CA GLY A 61 5.67 -6.91 7.94
C GLY A 61 4.54 -6.67 6.97
N TYR A 62 4.00 -5.44 6.95
CA TYR A 62 2.88 -5.11 6.09
C TYR A 62 3.27 -5.20 4.61
N CYS A 63 4.43 -4.66 4.25
CA CYS A 63 4.83 -4.62 2.85
C CYS A 63 5.05 -6.02 2.28
N ASN A 64 5.35 -7.00 3.11
CA ASN A 64 5.50 -8.37 2.61
C ASN A 64 4.11 -8.94 2.31
N PRO A 65 3.80 -9.30 1.07
CA PRO A 65 2.43 -9.77 0.78
C PRO A 65 2.11 -11.10 1.45
N GLY A 66 3.11 -11.92 1.72
CA GLY A 66 2.90 -13.19 2.39
C GLY A 66 2.93 -13.13 3.90
N ILE A 67 2.80 -11.95 4.47
CA ILE A 67 2.79 -11.76 5.93
C ILE A 67 1.58 -10.90 6.27
N HIS A 68 0.57 -11.49 6.87
CA HIS A 68 -0.60 -10.76 7.33
C HIS A 68 -0.67 -10.69 8.86
N LEU A 69 0.29 -11.27 9.56
CA LEU A 69 0.37 -11.21 11.01
C LEU A 69 1.68 -10.57 11.43
N CYS A 70 1.63 -9.72 12.46
CA CYS A 70 2.83 -9.06 12.96
C CYS A 70 2.71 -8.91 14.47
N SER A 71 3.53 -9.64 15.21
CA SER A 71 3.57 -9.51 16.66
C SER A 71 4.58 -8.43 17.02
N VAL A 72 4.09 -7.28 17.49
CA VAL A 72 4.96 -6.17 17.87
C VAL A 72 4.56 -5.72 19.26
N GLY A 73 5.53 -5.71 20.19
CA GLY A 73 5.19 -5.48 21.58
C GLY A 73 4.34 -6.62 22.10
N SER A 74 3.38 -6.26 22.95
CA SER A 74 2.47 -7.26 23.49
C SER A 74 1.38 -7.66 22.50
N TYR A 75 1.12 -6.84 21.51
CA TYR A 75 -0.07 -6.98 20.66
C TYR A 75 0.27 -7.63 19.33
N THR A 76 -0.69 -8.43 18.85
CA THR A 76 -0.63 -9.06 17.53
C THR A 76 -1.46 -8.24 16.55
N ILE A 77 -0.88 -7.93 15.39
CA ILE A 77 -1.50 -7.10 14.36
C ILE A 77 -1.92 -8.01 13.22
N ASN A 78 -3.17 -7.83 12.76
CA ASN A 78 -3.70 -8.55 11.61
C ASN A 78 -3.92 -7.52 10.49
N PHE A 79 -3.12 -7.62 9.44
CA PHE A 79 -3.20 -6.62 8.38
C PHE A 79 -4.46 -6.79 7.55
N ARG A 80 -4.91 -8.03 7.34
CA ARG A 80 -6.15 -8.26 6.59
C ARG A 80 -7.30 -7.48 7.20
N VAL A 81 -7.44 -7.53 8.52
CA VAL A 81 -8.52 -6.83 9.21
C VAL A 81 -8.12 -5.45 9.68
N SER A 83 -6.57 -4.56 12.46
CA SER A 83 -6.86 -4.44 13.88
C SER A 83 -5.70 -5.05 14.65
N CYS A 84 -5.60 -4.67 15.92
CA CYS A 84 -4.51 -5.11 16.79
C CYS A 84 -5.09 -5.41 18.16
N ASP A 85 -5.20 -6.70 18.48
CA ASP A 85 -5.82 -7.14 19.73
C ASP A 85 -7.18 -6.47 19.92
N SER A 86 -8.02 -6.61 18.89
CA SER A 86 -9.38 -6.07 18.88
C SER A 86 -9.40 -4.59 18.48
N PHE A 87 -8.44 -3.81 18.96
CA PHE A 87 -8.43 -2.38 18.68
C PHE A 87 -8.08 -2.12 17.22
N PRO A 88 -8.74 -1.15 16.58
CA PRO A 88 -8.46 -0.90 15.16
C PRO A 88 -7.20 -0.08 14.96
N ILE A 89 -6.57 -0.27 13.81
CA ILE A 89 -5.32 0.38 13.46
C ILE A 89 -5.47 1.03 12.08
N ARG A 90 -4.44 1.78 11.70
CA ARG A 90 -4.41 2.44 10.40
C ARG A 90 -2.98 2.79 10.03
N ARG A 91 -2.78 3.01 8.74
CA ARG A 91 -1.47 3.38 8.18
C ARG A 91 -1.66 4.64 7.34
N LEU A 92 -1.31 5.80 7.89
CA LEU A 92 -1.25 7.02 7.10
C LEU A 92 -0.07 6.93 6.14
N SER A 93 -0.23 7.53 4.96
CA SER A 93 0.73 7.38 3.88
C SER A 93 0.85 8.68 3.11
N THR A 94 1.98 8.81 2.39
CA THR A 94 2.11 9.83 1.37
C THR A 94 1.33 9.43 0.13
N PRO A 95 1.04 10.38 -0.76
CA PRO A 95 0.28 10.05 -1.97
C PRO A 95 0.92 8.92 -2.76
N SER A 96 0.09 8.19 -3.50
CA SER A 96 0.59 7.15 -4.38
C SER A 96 1.47 7.76 -5.46
N SER A 97 2.53 7.02 -5.84
CA SER A 97 3.54 7.58 -6.73
C SER A 97 2.97 7.94 -8.09
N VAL A 98 1.92 7.26 -8.54
CA VAL A 98 1.35 7.53 -9.87
C VAL A 98 0.55 8.82 -9.93
N THR A 99 0.39 9.52 -8.81
CA THR A 99 -0.35 10.79 -8.78
C THR A 99 0.57 12.01 -8.74
N LYS A 100 1.88 11.81 -8.76
CA LYS A 100 2.85 12.90 -8.73
C LYS A 100 3.96 12.59 -9.72
N PRO A 101 4.70 13.61 -10.17
CA PRO A 101 5.83 13.36 -11.07
C PRO A 101 6.86 12.43 -10.42
N ALA A 102 7.77 11.94 -11.26
CA ALA A 102 8.80 11.02 -10.78
C ALA A 102 9.81 11.70 -9.85
N ASN A 103 9.89 13.03 -9.89
CA ASN A 103 10.80 13.72 -8.98
C ASN A 103 10.42 13.52 -7.51
N SER A 104 9.16 13.20 -7.23
CA SER A 104 8.69 13.05 -5.86
C SER A 104 9.15 11.70 -5.33
N VAL A 105 10.32 11.69 -4.69
CA VAL A 105 10.91 10.44 -4.23
C VAL A 105 10.21 9.88 -3.00
N PHE A 106 9.49 10.71 -2.25
CA PHE A 106 8.86 10.26 -1.01
C PHE A 106 7.44 9.74 -1.21
N THR A 107 6.91 9.79 -2.42
CA THR A 107 5.62 9.18 -2.68
C THR A 107 5.69 7.68 -2.42
N THR A 108 4.51 7.08 -2.24
CA THR A 108 4.41 5.66 -1.95
C THR A 108 4.29 4.87 -3.25
N LYS A 109 5.14 3.85 -3.41
CA LYS A 109 5.09 2.96 -4.55
C LYS A 109 4.34 1.70 -4.16
N TRP A 110 3.21 1.45 -4.81
CA TRP A 110 2.34 0.33 -4.51
C TRP A 110 2.56 -0.78 -5.53
N ILE A 111 2.79 -2.00 -5.04
CA ILE A 111 2.95 -3.18 -5.86
C ILE A 111 1.67 -4.00 -5.77
N TRP A 112 1.27 -4.57 -6.91
CA TRP A 112 0.09 -5.42 -7.02
C TRP A 112 0.55 -6.85 -7.26
N TYR A 113 0.10 -7.77 -6.39
CA TYR A 113 0.42 -9.18 -6.50
C TYR A 113 -0.84 -10.01 -6.68
N TRP A 114 -0.68 -11.12 -7.39
CA TRP A 114 -1.69 -12.17 -7.48
C TRP A 114 -1.09 -13.46 -6.95
N LYS A 115 -1.88 -14.25 -6.22
CA LYS A 115 -1.40 -15.49 -5.64
C LYS A 115 -1.59 -16.64 -6.61
N ASN A 116 -0.51 -17.38 -6.86
CA ASN A 116 -0.47 -18.36 -7.93
C ASN A 116 -0.91 -19.74 -7.42
N GLU A 117 -0.80 -20.74 -8.30
CA GLU A 117 -1.19 -22.09 -7.92
C GLU A 117 -0.24 -22.67 -6.88
N SER A 118 1.07 -22.37 -6.99
CA SER A 118 2.05 -22.89 -6.06
C SER A 118 2.00 -22.23 -4.68
N GLY A 119 1.10 -21.28 -4.46
CA GLY A 119 0.88 -20.70 -3.15
C GLY A 119 1.58 -19.40 -2.86
N THR A 120 2.37 -18.87 -3.80
CA THR A 120 3.18 -17.68 -3.59
C THR A 120 2.60 -16.49 -4.33
N TRP A 121 3.13 -15.31 -4.02
CA TRP A 121 2.67 -14.05 -4.58
C TRP A 121 3.56 -13.63 -5.74
N ILE A 122 2.93 -13.25 -6.86
CA ILE A 122 3.63 -12.85 -8.08
C ILE A 122 3.21 -11.43 -8.42
N GLN A 123 4.20 -10.56 -8.65
CA GLN A 123 3.89 -9.21 -9.11
C GLN A 123 3.31 -9.26 -10.51
N TYR A 124 2.25 -8.49 -10.73
CA TYR A 124 1.70 -8.36 -12.08
C TYR A 124 2.78 -7.82 -13.01
N GLY A 125 2.92 -8.47 -14.16
CA GLY A 125 3.98 -8.18 -15.11
C GLY A 125 5.18 -9.09 -15.01
N GLU A 126 5.36 -9.77 -13.88
CA GLU A 126 6.48 -10.68 -13.68
C GLU A 126 6.03 -12.13 -13.87
N ASN A 133 2.72 -13.92 -19.48
CA ASN A 133 2.95 -12.84 -18.54
C ASN A 133 1.90 -11.73 -18.74
N SER A 134 1.34 -11.25 -17.63
CA SER A 134 0.27 -10.28 -17.69
C SER A 134 0.68 -9.11 -18.58
N ASN A 135 -0.32 -8.53 -19.26
CA ASN A 135 -0.12 -7.33 -20.06
C ASN A 135 -0.40 -6.06 -19.26
N VAL A 136 -0.45 -6.16 -17.93
CA VAL A 136 -0.59 -5.01 -17.04
C VAL A 136 0.49 -5.15 -15.96
N ASP A 137 0.83 -4.01 -15.35
CA ASP A 137 1.83 -3.96 -14.29
C ASP A 137 1.29 -3.14 -13.13
N SER A 138 2.12 -2.98 -12.09
CA SER A 138 1.66 -2.30 -10.90
C SER A 138 1.32 -0.84 -11.17
N SER A 139 2.09 -0.17 -12.04
CA SER A 139 1.78 1.21 -12.38
C SER A 139 0.42 1.32 -13.05
N TYR A 140 0.18 0.46 -14.04
CA TYR A 140 -1.12 0.39 -14.72
C TYR A 140 -2.26 0.26 -13.72
N LEU A 141 -2.21 -0.80 -12.90
CA LEU A 141 -3.30 -1.11 -11.99
C LEU A 141 -3.47 -0.02 -10.94
N GLU A 142 -2.36 0.49 -10.39
CA GLU A 142 -2.45 1.53 -9.38
C GLU A 142 -3.04 2.80 -9.95
N SER A 143 -2.65 3.17 -11.17
CA SER A 143 -3.22 4.36 -11.81
C SER A 143 -4.73 4.19 -12.01
N LEU A 144 -5.14 3.06 -12.58
CA LEU A 144 -6.57 2.81 -12.76
C LEU A 144 -7.30 2.86 -11.42
N TYR A 145 -6.73 2.25 -10.39
CA TYR A 145 -7.37 2.20 -9.08
C TYR A 145 -7.49 3.60 -8.47
N GLN A 146 -6.47 4.44 -8.65
CA GLN A 146 -6.53 5.80 -8.12
C GLN A 146 -7.58 6.61 -8.86
N SER A 147 -7.69 6.45 -10.17
CA SER A 147 -8.70 7.18 -10.91
C SER A 147 -10.09 6.56 -10.78
N CYS A 148 -10.19 5.27 -10.42
CA CYS A 148 -11.48 4.64 -10.18
C CYS A 148 -11.32 3.44 -9.26
N PRO A 149 -11.66 3.56 -7.97
CA PRO A 149 -11.45 2.44 -7.03
C PRO A 149 -12.47 1.33 -7.16
N ARG A 150 -13.57 1.52 -7.88
CA ARG A 150 -14.61 0.50 -8.02
C ARG A 150 -14.62 -0.13 -9.41
N GLY A 151 -13.52 -0.01 -10.16
CA GLY A 151 -13.49 -0.52 -11.50
C GLY A 151 -13.14 -1.99 -11.59
N VAL A 152 -13.28 -2.53 -12.80
CA VAL A 152 -12.89 -3.89 -13.13
C VAL A 152 -11.98 -3.82 -14.35
N VAL A 153 -10.79 -4.41 -14.24
CA VAL A 153 -9.73 -4.26 -15.23
C VAL A 153 -9.66 -5.56 -16.02
N PRO A 154 -9.98 -5.57 -17.30
CA PRO A 154 -9.70 -6.76 -18.12
C PRO A 154 -8.24 -6.81 -18.54
N PHE A 155 -7.64 -7.99 -18.40
CA PHE A 155 -6.27 -8.17 -18.85
C PHE A 155 -6.11 -9.59 -19.38
N GLN A 156 -4.92 -9.85 -19.94
CA GLN A 156 -4.62 -11.11 -20.59
C GLN A 156 -3.27 -11.61 -20.13
N ALA A 157 -3.16 -12.94 -20.02
CA ALA A 157 -1.90 -13.58 -19.65
C ALA A 157 -1.82 -14.91 -20.38
N GLY A 158 -0.76 -15.10 -21.16
CA GLY A 158 -0.73 -16.24 -22.05
C GLY A 158 -1.90 -16.16 -23.00
N SER A 159 -2.64 -17.27 -23.12
CA SER A 159 -3.85 -17.31 -23.91
C SER A 159 -5.10 -17.18 -23.06
N ARG A 160 -4.96 -16.82 -21.78
CA ARG A 160 -6.08 -16.72 -20.86
C ARG A 160 -6.44 -15.26 -20.62
N ASN A 161 -7.73 -15.04 -20.35
CA ASN A 161 -8.27 -13.70 -20.13
C ASN A 161 -8.85 -13.62 -18.73
N TYR A 162 -8.67 -12.45 -18.09
CA TYR A 162 -9.06 -12.27 -16.71
C TYR A 162 -9.70 -10.91 -16.52
N GLU A 163 -10.49 -10.80 -15.45
CA GLU A 163 -10.99 -9.54 -14.93
C GLU A 163 -10.52 -9.39 -13.49
N LEU A 164 -9.90 -8.25 -13.19
CA LEU A 164 -9.45 -7.93 -11.84
C LEU A 164 -10.44 -6.97 -11.23
N SER A 165 -11.11 -7.40 -10.16
CA SER A 165 -12.07 -6.59 -9.43
C SER A 165 -11.36 -5.91 -8.28
N PHE A 166 -11.33 -4.58 -8.32
CA PHE A 166 -10.74 -3.79 -7.24
C PHE A 166 -11.56 -3.94 -5.96
N GLN A 167 -12.86 -3.64 -6.02
CA GLN A 167 -13.67 -3.63 -4.81
C GLN A 167 -13.67 -4.98 -4.12
N GLY A 168 -13.52 -6.06 -4.88
CA GLY A 168 -13.37 -7.38 -4.29
C GLY A 168 -11.90 -7.77 -4.15
N ILE A 170 -9.91 -9.27 -6.39
CA ILE A 170 -9.74 -10.65 -6.84
C ILE A 170 -9.65 -10.66 -8.36
N GLN A 171 -8.86 -11.58 -8.90
CA GLN A 171 -8.85 -11.80 -10.34
C GLN A 171 -9.66 -13.04 -10.66
N THR A 172 -10.40 -13.00 -11.77
CA THR A 172 -11.24 -14.10 -12.21
C THR A 172 -10.94 -14.39 -13.67
N ASN A 173 -10.59 -15.64 -13.96
CA ASN A 173 -10.54 -16.10 -15.35
C ASN A 173 -11.96 -16.11 -15.91
N ILE A 174 -12.19 -15.38 -17.00
CA ILE A 174 -13.56 -15.24 -17.50
C ILE A 174 -14.08 -16.52 -18.12
N ALA A 175 -13.19 -17.41 -18.59
CA ALA A 175 -13.63 -18.67 -19.16
C ALA A 175 -13.98 -19.68 -18.07
N SER A 176 -13.06 -19.93 -17.15
CA SER A 176 -13.24 -20.94 -16.13
C SER A 176 -13.87 -20.40 -14.85
N LYS A 177 -13.91 -19.09 -14.68
CA LYS A 177 -14.41 -18.44 -13.47
C LYS A 177 -13.58 -18.79 -12.24
N THR A 178 -12.39 -19.36 -12.43
CA THR A 178 -11.47 -19.55 -11.32
C THR A 178 -11.04 -18.20 -10.75
N GLN A 179 -11.04 -18.11 -9.42
CA GLN A 179 -10.70 -16.87 -8.73
C GLN A 179 -9.34 -17.00 -8.05
N LYS A 180 -8.64 -15.87 -7.92
CA LYS A 180 -7.36 -15.82 -7.23
C LYS A 180 -7.25 -14.50 -6.51
N ASP A 181 -6.63 -14.53 -5.33
CA ASP A 181 -6.52 -13.34 -4.50
C ASP A 181 -5.55 -12.34 -5.13
N VAL A 182 -5.87 -11.06 -4.95
CA VAL A 182 -5.00 -9.96 -5.36
C VAL A 182 -4.76 -9.08 -4.14
N ILE A 183 -3.51 -8.67 -3.95
CA ILE A 183 -3.13 -7.85 -2.81
C ILE A 183 -2.32 -6.66 -3.31
N ARG A 184 -2.45 -5.54 -2.59
CA ARG A 184 -1.81 -4.28 -2.95
C ARG A 184 -1.02 -3.82 -1.72
N ARG A 185 0.30 -3.77 -1.85
CA ARG A 185 1.15 -3.43 -0.71
C ARG A 185 2.28 -2.51 -1.15
N PRO A 186 2.75 -1.62 -0.28
CA PRO A 186 3.80 -0.69 -0.66
C PRO A 186 5.17 -1.35 -0.64
N THR A 187 6.11 -0.71 -1.34
CA THR A 187 7.51 -1.08 -1.20
C THR A 187 8.04 -0.57 0.14
N PHE A 188 8.90 -1.34 0.76
CA PHE A 188 9.40 -1.01 2.09
C PHE A 188 10.59 -0.06 1.98
N VAL A 189 10.61 0.94 2.87
CA VAL A 189 11.78 1.80 3.03
C VAL A 189 12.06 1.93 4.52
N PRO A 190 13.27 1.63 4.99
CA PRO A 190 13.59 1.87 6.40
C PRO A 190 13.90 3.34 6.66
N GLN A 191 13.88 3.69 7.95
CA GLN A 191 14.06 5.08 8.33
C GLN A 191 15.42 5.62 7.90
N TRP A 192 16.46 4.79 7.98
CA TRP A 192 17.78 5.26 7.59
C TRP A 192 17.85 5.58 6.10
N TYR A 193 17.12 4.82 5.27
CA TYR A 193 17.08 5.16 3.85
C TYR A 193 16.27 6.43 3.62
N VAL A 194 15.24 6.69 4.43
CA VAL A 194 14.53 7.96 4.35
C VAL A 194 15.48 9.11 4.66
N GLN A 195 16.31 8.95 5.69
CA GLN A 195 17.33 9.97 5.97
C GLN A 195 18.23 10.17 4.77
N GLN A 196 18.71 9.08 4.16
CA GLN A 196 19.54 9.19 2.97
C GLN A 196 18.83 9.97 1.87
N LYS A 198 16.61 12.24 2.27
CA LYS A 198 16.56 13.63 2.68
C LYS A 198 17.90 14.35 2.50
N ARG A 199 18.98 13.63 2.20
CA ARG A 199 20.27 14.26 1.95
C ARG A 199 20.37 14.69 0.49
#